data_1GT4
#
_entry.id   1GT4
#
_cell.length_a   55.589
_cell.length_b   65.206
_cell.length_c   42.153
_cell.angle_alpha   90.00
_cell.angle_beta   98.32
_cell.angle_gamma   90.00
#
_symmetry.space_group_name_H-M   'P 1 21 1'
#
loop_
_entity.id
_entity.type
_entity.pdbx_description
1 polymer 'ODORANT-BINDING PROTEIN'
2 non-polymer UNDECANAL
3 water water
#
_entity_poly.entity_id   1
_entity_poly.type   'polypeptide(L)'
_entity_poly.pdbx_seq_one_letter_code
;AQEEEAEQNLSELSGPWRTVYIGSTNPEKIQENGPFRTYFRELVFDDEKGTVDFYFSVKRDGKWKNVHVKATKQDDGTYV
ADYEGQNVFKIVSLSRTHLVAHNINVDKHGQTTELTELFVKLNVEDEDLEKFWKLTEDKGIDKKNVVNFLENENHPHPE
;
_entity_poly.pdbx_strand_id   A,B
#
loop_
_chem_comp.id
_chem_comp.type
_chem_comp.name
_chem_comp.formula
UNA non-polymer UNDECANAL 'C11 H22 O'
#
# COMPACT_ATOMS: atom_id res chain seq x y z
N ALA A 1 -0.89 33.91 -27.72
CA ALA A 1 -0.80 32.45 -27.38
C ALA A 1 -0.84 32.23 -25.89
N GLN A 2 -1.60 31.24 -25.46
CA GLN A 2 -1.66 30.95 -24.04
C GLN A 2 -0.51 30.00 -23.80
N GLU A 3 -0.71 29.01 -22.94
CA GLU A 3 0.34 28.04 -22.67
C GLU A 3 0.45 27.09 -23.86
N GLU A 4 1.51 26.28 -23.89
CA GLU A 4 1.65 25.33 -24.99
C GLU A 4 1.36 23.93 -24.49
N GLU A 5 1.16 23.03 -25.45
CA GLU A 5 0.83 21.64 -25.15
C GLU A 5 1.85 20.98 -24.25
N ALA A 6 1.39 20.06 -23.40
CA ALA A 6 2.27 19.35 -22.48
C ALA A 6 2.51 17.91 -22.90
N GLU A 7 3.78 17.56 -23.13
CA GLU A 7 4.15 16.19 -23.51
C GLU A 7 3.85 15.33 -22.29
N GLN A 8 2.78 14.56 -22.35
CA GLN A 8 2.37 13.71 -21.22
C GLN A 8 2.57 12.21 -21.38
N ASN A 9 3.41 11.64 -20.53
CA ASN A 9 3.67 10.21 -20.51
C ASN A 9 3.55 9.70 -19.07
N LEU A 10 2.32 9.41 -18.67
CA LEU A 10 2.05 8.94 -17.31
C LEU A 10 1.73 7.45 -17.26
N SER A 11 1.64 6.82 -18.43
CA SER A 11 1.34 5.40 -18.53
C SER A 11 2.25 4.61 -17.60
N GLU A 12 3.49 5.08 -17.53
CA GLU A 12 4.55 4.49 -16.73
C GLU A 12 4.04 4.37 -15.25
N LEU A 13 3.21 5.29 -14.87
CA LEU A 13 2.68 5.38 -13.51
C LEU A 13 1.52 4.45 -13.09
N SER A 14 0.92 3.73 -14.04
CA SER A 14 -0.18 2.84 -13.72
C SER A 14 0.30 1.75 -12.77
N GLY A 15 -0.62 1.23 -11.96
CA GLY A 15 -0.25 0.20 -11.02
C GLY A 15 -0.89 0.35 -9.66
N PRO A 16 -0.35 -0.32 -8.63
CA PRO A 16 -0.94 -0.21 -7.29
C PRO A 16 -0.61 1.10 -6.57
N TRP A 17 -1.65 1.79 -6.11
CA TRP A 17 -1.49 3.05 -5.38
C TRP A 17 -2.25 3.00 -4.07
N ARG A 18 -1.74 3.76 -3.09
CA ARG A 18 -2.35 3.81 -1.76
C ARG A 18 -2.56 5.24 -1.28
N THR A 19 -3.60 5.44 -0.49
CA THR A 19 -3.92 6.75 0.05
C THR A 19 -3.07 7.02 1.29
N VAL A 20 -2.38 8.16 1.33
CA VAL A 20 -1.59 8.52 2.52
C VAL A 20 -2.41 9.50 3.35
N TYR A 21 -2.69 10.68 2.79
CA TYR A 21 -3.48 11.71 3.48
C TYR A 21 -4.52 12.33 2.56
N ILE A 22 -5.67 12.62 3.13
CA ILE A 22 -6.70 13.33 2.43
C ILE A 22 -7.21 14.40 3.38
N GLY A 23 -7.10 15.66 2.94
CA GLY A 23 -7.57 16.79 3.72
C GLY A 23 -8.86 17.34 3.12
N SER A 24 -9.68 18.00 3.91
CA SER A 24 -10.94 18.52 3.38
C SER A 24 -11.47 19.80 4.05
N THR A 25 -12.03 20.71 3.25
CA THR A 25 -12.57 21.94 3.81
C THR A 25 -13.84 21.62 4.61
N ASN A 26 -14.40 20.43 4.38
CA ASN A 26 -15.61 19.94 5.06
C ASN A 26 -15.27 18.57 5.67
N PRO A 27 -14.74 18.53 6.89
CA PRO A 27 -14.36 17.26 7.56
C PRO A 27 -15.40 16.14 7.51
N GLU A 28 -16.68 16.48 7.48
CA GLU A 28 -17.71 15.44 7.43
C GLU A 28 -17.52 14.56 6.22
N LYS A 29 -17.01 15.13 5.14
CA LYS A 29 -16.78 14.40 3.90
C LYS A 29 -15.75 13.27 4.02
N ILE A 30 -14.72 13.49 4.85
CA ILE A 30 -13.67 12.49 5.05
C ILE A 30 -13.78 11.69 6.35
N GLN A 31 -14.59 12.18 7.31
CA GLN A 31 -14.78 11.41 8.55
C GLN A 31 -15.32 10.03 8.18
N GLU A 32 -15.27 9.12 9.15
CA GLU A 32 -15.74 7.75 8.93
C GLU A 32 -17.13 7.75 8.28
N ASN A 33 -17.29 6.82 7.36
CA ASN A 33 -18.53 6.65 6.62
C ASN A 33 -18.64 7.78 5.53
N GLY A 34 -17.73 8.75 5.58
CA GLY A 34 -17.71 9.87 4.61
C GLY A 34 -17.52 9.30 3.20
N PRO A 35 -18.07 9.96 2.16
CA PRO A 35 -17.98 9.51 0.75
C PRO A 35 -16.59 9.65 0.15
N PHE A 36 -15.79 10.54 0.70
CA PHE A 36 -14.44 10.73 0.21
C PHE A 36 -13.36 10.15 1.12
N ARG A 37 -13.75 9.15 1.92
CA ARG A 37 -12.82 8.44 2.81
C ARG A 37 -12.41 7.22 1.97
N THR A 38 -11.72 7.53 0.88
CA THR A 38 -11.29 6.55 -0.10
C THR A 38 -9.89 5.97 0.04
N TYR A 39 -9.83 4.65 0.15
CA TYR A 39 -8.58 3.92 0.25
C TYR A 39 -8.24 3.43 -1.18
N PHE A 40 -7.32 4.14 -1.84
CA PHE A 40 -6.93 3.78 -3.20
C PHE A 40 -6.37 2.38 -3.27
N ARG A 41 -6.62 1.70 -4.39
CA ARG A 41 -6.11 0.35 -4.63
C ARG A 41 -5.26 0.33 -5.89
N GLU A 42 -5.77 0.95 -6.95
CA GLU A 42 -5.05 0.96 -8.22
C GLU A 42 -5.42 2.20 -9.04
N LEU A 43 -4.51 2.60 -9.92
CA LEU A 43 -4.72 3.73 -10.82
C LEU A 43 -4.24 3.29 -12.20
N VAL A 44 -4.98 3.68 -13.23
CA VAL A 44 -4.60 3.32 -14.59
C VAL A 44 -4.66 4.55 -15.47
N PHE A 45 -3.51 4.97 -15.95
CA PHE A 45 -3.40 6.14 -16.81
C PHE A 45 -3.39 5.72 -18.27
N ASP A 46 -4.20 6.39 -19.08
CA ASP A 46 -4.24 6.12 -20.51
C ASP A 46 -3.96 7.45 -21.19
N ASP A 47 -2.80 7.55 -21.85
CA ASP A 47 -2.39 8.77 -22.53
C ASP A 47 -3.07 8.95 -23.89
N GLU A 48 -3.54 7.86 -24.47
CA GLU A 48 -4.22 7.96 -25.77
C GLU A 48 -5.58 8.62 -25.55
N LYS A 49 -6.34 8.07 -24.61
CA LYS A 49 -7.66 8.59 -24.31
C LYS A 49 -7.56 9.77 -23.35
N GLY A 50 -6.39 9.95 -22.74
CA GLY A 50 -6.20 11.03 -21.79
C GLY A 50 -7.14 10.85 -20.60
N THR A 51 -7.13 9.65 -20.04
CA THR A 51 -8.00 9.33 -18.91
C THR A 51 -7.26 8.72 -17.73
N VAL A 52 -7.95 8.70 -16.59
CA VAL A 52 -7.42 8.10 -15.38
C VAL A 52 -8.53 7.30 -14.73
N ASP A 53 -8.28 6.00 -14.53
CA ASP A 53 -9.28 5.18 -13.87
C ASP A 53 -8.82 4.93 -12.45
N PHE A 54 -9.72 5.25 -11.51
CA PHE A 54 -9.48 5.10 -10.08
C PHE A 54 -10.15 3.85 -9.56
N TYR A 55 -9.39 3.04 -8.84
CA TYR A 55 -9.98 1.84 -8.23
C TYR A 55 -9.70 2.01 -6.75
N PHE A 56 -10.76 2.04 -5.96
CA PHE A 56 -10.61 2.25 -4.53
C PHE A 56 -11.75 1.68 -3.70
N SER A 57 -11.48 1.53 -2.40
CA SER A 57 -12.47 1.00 -1.47
C SER A 57 -12.98 2.13 -0.62
N VAL A 58 -14.28 2.07 -0.32
CA VAL A 58 -14.95 3.07 0.50
C VAL A 58 -16.02 2.36 1.30
N LYS A 59 -16.13 2.72 2.57
CA LYS A 59 -17.13 2.12 3.43
C LYS A 59 -18.38 2.98 3.41
N ARG A 60 -19.51 2.34 3.14
CA ARG A 60 -20.81 3.01 3.11
C ARG A 60 -21.73 2.25 4.07
N ASP A 61 -22.21 2.94 5.10
CA ASP A 61 -23.06 2.31 6.09
C ASP A 61 -22.46 0.99 6.54
N GLY A 62 -21.39 1.07 7.33
CA GLY A 62 -20.73 -0.12 7.84
C GLY A 62 -20.42 -1.22 6.83
N LYS A 63 -20.53 -0.92 5.53
CA LYS A 63 -20.26 -1.90 4.49
C LYS A 63 -19.21 -1.40 3.48
N TRP A 64 -18.28 -2.28 3.14
CA TRP A 64 -17.20 -1.95 2.20
C TRP A 64 -17.55 -2.17 0.73
N LYS A 65 -17.33 -1.12 -0.06
CA LYS A 65 -17.58 -1.17 -1.49
C LYS A 65 -16.31 -0.91 -2.27
N ASN A 66 -16.16 -1.59 -3.40
CA ASN A 66 -15.03 -1.38 -4.27
C ASN A 66 -15.59 -0.55 -5.42
N VAL A 67 -15.05 0.66 -5.55
CA VAL A 67 -15.50 1.60 -6.54
C VAL A 67 -14.53 1.78 -7.68
N HIS A 68 -15.07 2.06 -8.87
CA HIS A 68 -14.26 2.32 -10.05
C HIS A 68 -14.77 3.61 -10.68
N VAL A 69 -13.88 4.59 -10.81
CA VAL A 69 -14.25 5.88 -11.39
C VAL A 69 -13.31 6.28 -12.53
N LYS A 70 -13.88 6.74 -13.64
CA LYS A 70 -13.09 7.17 -14.80
C LYS A 70 -13.10 8.68 -14.91
N ALA A 71 -11.91 9.27 -14.88
CA ALA A 71 -11.78 10.72 -14.99
C ALA A 71 -11.21 11.07 -16.37
N THR A 72 -11.69 12.15 -16.97
CA THR A 72 -11.22 12.56 -18.29
C THR A 72 -10.53 13.90 -18.27
N LYS A 73 -9.36 13.99 -18.93
CA LYS A 73 -8.62 15.24 -18.98
C LYS A 73 -9.39 16.22 -19.87
N GLN A 74 -9.38 17.50 -19.49
CA GLN A 74 -10.06 18.54 -20.23
C GLN A 74 -8.98 19.38 -20.88
N ASP A 75 -9.32 20.15 -21.92
CA ASP A 75 -8.32 20.97 -22.60
C ASP A 75 -7.67 21.95 -21.62
N ASP A 76 -8.29 22.08 -20.45
CA ASP A 76 -7.80 22.94 -19.39
C ASP A 76 -6.57 22.29 -18.75
N GLY A 77 -6.58 20.96 -18.70
CA GLY A 77 -5.48 20.22 -18.10
C GLY A 77 -6.05 19.45 -16.92
N THR A 78 -7.09 20.01 -16.32
CA THR A 78 -7.75 19.40 -15.18
C THR A 78 -8.50 18.17 -15.65
N TYR A 79 -9.04 17.42 -14.70
CA TYR A 79 -9.81 16.22 -14.99
C TYR A 79 -11.19 16.38 -14.37
N VAL A 80 -12.19 15.75 -14.97
CA VAL A 80 -13.55 15.81 -14.43
C VAL A 80 -14.01 14.37 -14.28
N ALA A 81 -14.88 14.12 -13.31
CA ALA A 81 -15.39 12.77 -13.10
C ALA A 81 -16.60 12.81 -12.20
N ASP A 82 -17.50 11.84 -12.39
CA ASP A 82 -18.70 11.76 -11.58
C ASP A 82 -18.52 10.78 -10.42
N TYR A 83 -18.56 11.31 -9.19
CA TYR A 83 -18.47 10.51 -7.97
C TYR A 83 -19.02 11.36 -6.81
N GLU A 84 -20.10 10.89 -6.20
CA GLU A 84 -20.74 11.63 -5.12
C GLU A 84 -20.82 13.10 -5.52
N GLY A 85 -21.36 13.33 -6.72
CA GLY A 85 -21.49 14.68 -7.24
C GLY A 85 -20.60 14.85 -8.45
N GLN A 86 -20.17 16.09 -8.69
CA GLN A 86 -19.29 16.41 -9.81
C GLN A 86 -17.93 16.86 -9.29
N ASN A 87 -16.87 16.45 -9.95
CA ASN A 87 -15.53 16.82 -9.51
C ASN A 87 -14.69 17.33 -10.63
N VAL A 88 -13.86 18.29 -10.30
CA VAL A 88 -12.92 18.84 -11.25
C VAL A 88 -11.69 18.64 -10.45
N PHE A 89 -10.76 17.85 -10.95
CA PHE A 89 -9.59 17.69 -10.16
C PHE A 89 -8.32 17.99 -10.88
N LYS A 90 -7.31 18.26 -10.08
CA LYS A 90 -6.03 18.66 -10.59
C LYS A 90 -4.82 18.00 -9.98
N ILE A 91 -3.98 17.46 -10.86
CA ILE A 91 -2.75 16.85 -10.42
C ILE A 91 -1.76 18.00 -10.29
N VAL A 92 -1.37 18.29 -9.06
CA VAL A 92 -0.46 19.36 -8.75
C VAL A 92 0.98 18.86 -8.77
N SER A 93 1.16 17.59 -8.46
CA SER A 93 2.49 17.01 -8.42
C SER A 93 2.41 15.49 -8.53
N LEU A 94 2.96 14.97 -9.63
CA LEU A 94 2.93 13.54 -9.89
C LEU A 94 4.27 13.00 -10.35
N SER A 95 4.68 11.89 -9.75
CA SER A 95 5.94 11.24 -10.08
C SER A 95 5.77 9.74 -9.88
N ARG A 96 6.77 8.96 -10.26
CA ARG A 96 6.69 7.51 -10.12
C ARG A 96 6.45 7.09 -8.67
N THR A 97 6.87 7.93 -7.75
CA THR A 97 6.75 7.63 -6.33
C THR A 97 5.51 8.17 -5.62
N HIS A 98 5.01 9.31 -6.09
CA HIS A 98 3.87 9.93 -5.41
C HIS A 98 2.85 10.58 -6.32
N LEU A 99 1.89 11.23 -5.67
CA LEU A 99 0.80 11.94 -6.35
C LEU A 99 0.10 12.86 -5.36
N VAL A 100 0.14 14.16 -5.64
CA VAL A 100 -0.54 15.13 -4.79
C VAL A 100 -1.56 15.85 -5.67
N ALA A 101 -2.83 15.73 -5.28
CA ALA A 101 -3.88 16.34 -6.07
C ALA A 101 -4.81 17.19 -5.25
N HIS A 102 -5.53 18.06 -5.96
CA HIS A 102 -6.48 18.97 -5.37
C HIS A 102 -7.77 18.68 -6.12
N ASN A 103 -8.82 18.34 -5.39
CA ASN A 103 -10.09 18.07 -6.03
C ASN A 103 -11.14 19.01 -5.50
N ILE A 104 -12.00 19.47 -6.38
CA ILE A 104 -13.08 20.33 -5.95
C ILE A 104 -14.34 19.53 -6.27
N ASN A 105 -15.14 19.30 -5.24
CA ASN A 105 -16.36 18.53 -5.39
C ASN A 105 -17.62 19.33 -5.10
N VAL A 106 -18.62 19.17 -5.96
CA VAL A 106 -19.90 19.85 -5.77
C VAL A 106 -20.88 18.71 -5.66
N ASP A 107 -21.47 18.54 -4.49
CA ASP A 107 -22.42 17.45 -4.30
C ASP A 107 -23.81 17.77 -4.83
N LYS A 108 -24.70 16.78 -4.70
CA LYS A 108 -26.07 16.87 -5.15
C LYS A 108 -26.86 18.02 -4.51
N HIS A 109 -26.23 18.75 -3.60
CA HIS A 109 -26.91 19.88 -2.97
C HIS A 109 -26.27 21.19 -3.39
N GLY A 110 -25.30 21.10 -4.28
CA GLY A 110 -24.61 22.29 -4.75
C GLY A 110 -23.58 22.77 -3.75
N GLN A 111 -23.28 21.96 -2.75
CA GLN A 111 -22.28 22.33 -1.74
C GLN A 111 -20.88 22.05 -2.33
N THR A 112 -20.00 23.04 -2.26
CA THR A 112 -18.63 22.95 -2.77
C THR A 112 -17.63 22.55 -1.69
N THR A 113 -16.79 21.55 -1.97
CA THR A 113 -15.75 21.10 -1.05
C THR A 113 -14.43 20.94 -1.78
N GLU A 114 -13.37 21.53 -1.24
CA GLU A 114 -12.05 21.40 -1.83
C GLU A 114 -11.28 20.39 -1.00
N LEU A 115 -10.72 19.38 -1.67
CA LEU A 115 -9.96 18.36 -0.98
C LEU A 115 -8.53 18.32 -1.46
N THR A 116 -7.63 17.87 -0.59
CA THR A 116 -6.24 17.72 -0.96
C THR A 116 -5.85 16.28 -0.64
N GLU A 117 -4.88 15.75 -1.35
CA GLU A 117 -4.49 14.38 -1.09
C GLU A 117 -3.11 14.02 -1.56
N LEU A 118 -2.50 13.13 -0.79
CA LEU A 118 -1.18 12.61 -1.06
C LEU A 118 -1.42 11.12 -1.21
N PHE A 119 -0.97 10.58 -2.33
CA PHE A 119 -1.08 9.14 -2.63
C PHE A 119 0.28 8.64 -3.06
N VAL A 120 0.62 7.41 -2.70
CA VAL A 120 1.92 6.85 -3.07
C VAL A 120 1.75 5.56 -3.86
N LYS A 121 2.68 5.33 -4.79
CA LYS A 121 2.65 4.14 -5.64
C LYS A 121 3.35 2.95 -5.00
N LEU A 122 2.78 1.76 -5.16
CA LEU A 122 3.38 0.57 -4.60
C LEU A 122 4.24 -0.03 -5.73
N ASN A 123 5.48 0.42 -5.81
CA ASN A 123 6.44 0.00 -6.83
C ASN A 123 7.10 -1.37 -6.70
N VAL A 124 6.69 -2.32 -7.55
CA VAL A 124 7.28 -3.66 -7.53
C VAL A 124 8.23 -3.83 -8.72
N GLU A 125 9.52 -3.79 -8.44
CA GLU A 125 10.54 -3.90 -9.47
C GLU A 125 10.74 -5.30 -10.06
N ASP A 126 11.11 -5.32 -11.35
CA ASP A 126 11.35 -6.55 -12.08
C ASP A 126 12.51 -7.33 -11.49
N GLU A 127 13.56 -6.61 -11.13
CA GLU A 127 14.75 -7.19 -10.54
C GLU A 127 14.38 -7.95 -9.27
N ASP A 128 13.35 -7.48 -8.57
CA ASP A 128 12.93 -8.12 -7.33
C ASP A 128 11.95 -9.27 -7.55
N LEU A 129 11.08 -9.16 -8.55
CA LEU A 129 10.13 -10.24 -8.83
C LEU A 129 10.92 -11.45 -9.35
N GLU A 130 11.99 -11.18 -10.06
CA GLU A 130 12.84 -12.24 -10.61
C GLU A 130 13.46 -13.00 -9.44
N LYS A 131 14.07 -12.25 -8.53
CA LYS A 131 14.72 -12.80 -7.35
C LYS A 131 13.76 -13.66 -6.52
N PHE A 132 12.50 -13.27 -6.48
CA PHE A 132 11.52 -14.03 -5.71
C PHE A 132 11.09 -15.29 -6.44
N TRP A 133 11.04 -15.20 -7.77
CA TRP A 133 10.63 -16.32 -8.61
C TRP A 133 11.69 -17.42 -8.68
N LYS A 134 12.94 -16.97 -8.79
CA LYS A 134 14.10 -17.83 -8.83
C LYS A 134 14.04 -18.62 -7.51
N LEU A 135 14.20 -17.91 -6.40
CA LEU A 135 14.15 -18.50 -5.07
C LEU A 135 12.99 -19.48 -4.93
N THR A 136 11.82 -19.04 -5.38
CA THR A 136 10.63 -19.88 -5.33
C THR A 136 10.85 -21.14 -6.18
N GLU A 137 11.59 -21.02 -7.28
CA GLU A 137 11.86 -22.19 -8.11
C GLU A 137 12.84 -23.08 -7.37
N ASP A 138 13.93 -22.50 -6.90
CA ASP A 138 14.91 -23.25 -6.18
C ASP A 138 14.27 -24.09 -5.06
N LYS A 139 13.52 -23.46 -4.16
CA LYS A 139 12.88 -24.20 -3.08
C LYS A 139 11.84 -25.20 -3.56
N GLY A 140 11.68 -25.30 -4.87
CA GLY A 140 10.72 -26.26 -5.40
C GLY A 140 9.26 -25.97 -5.16
N ILE A 141 8.91 -24.69 -5.05
CA ILE A 141 7.52 -24.33 -4.83
C ILE A 141 6.86 -24.18 -6.20
N ASP A 142 5.59 -24.55 -6.28
CA ASP A 142 4.86 -24.45 -7.53
C ASP A 142 4.08 -23.14 -7.61
N LYS A 143 4.27 -22.43 -8.72
CA LYS A 143 3.61 -21.15 -8.98
C LYS A 143 2.14 -21.17 -8.62
N LYS A 144 1.52 -22.35 -8.71
CA LYS A 144 0.11 -22.49 -8.39
C LYS A 144 -0.12 -22.32 -6.89
N ASN A 145 0.89 -22.65 -6.09
CA ASN A 145 0.80 -22.55 -4.64
C ASN A 145 1.36 -21.25 -4.11
N VAL A 146 1.11 -20.16 -4.84
CA VAL A 146 1.57 -18.86 -4.43
C VAL A 146 0.36 -17.95 -4.47
N VAL A 147 0.22 -17.12 -3.45
CA VAL A 147 -0.90 -16.20 -3.35
C VAL A 147 -0.47 -14.77 -3.64
N ASN A 148 -1.22 -14.09 -4.49
CA ASN A 148 -0.94 -12.71 -4.85
C ASN A 148 -1.72 -11.88 -3.83
N PHE A 149 -1.00 -11.10 -3.03
CA PHE A 149 -1.63 -10.29 -1.98
C PHE A 149 -1.95 -8.86 -2.42
N LEU A 150 -1.38 -8.43 -3.54
CA LEU A 150 -1.61 -7.07 -4.07
C LEU A 150 -2.87 -6.99 -4.90
N GLU A 151 -3.66 -8.06 -4.87
CA GLU A 151 -4.92 -8.14 -5.60
C GLU A 151 -5.60 -9.46 -5.31
N ASN A 152 -6.45 -9.46 -4.30
CA ASN A 152 -7.18 -10.67 -3.90
C ASN A 152 -8.55 -10.30 -3.35
N GLU A 153 -9.53 -11.16 -3.60
CA GLU A 153 -10.90 -10.94 -3.16
C GLU A 153 -11.09 -11.14 -1.65
N ASN A 154 -10.00 -11.21 -0.91
CA ASN A 154 -10.10 -11.45 0.53
C ASN A 154 -8.94 -10.80 1.31
N HIS A 155 -9.05 -9.50 1.60
CA HIS A 155 -8.01 -8.80 2.34
C HIS A 155 -8.52 -8.09 3.60
N PRO A 156 -7.61 -7.56 4.43
CA PRO A 156 -8.00 -6.86 5.66
C PRO A 156 -8.79 -5.60 5.37
N HIS A 157 -9.45 -5.09 6.41
CA HIS A 157 -10.25 -3.88 6.31
C HIS A 157 -9.59 -2.81 7.17
N PRO A 158 -9.27 -1.66 6.58
CA PRO A 158 -8.63 -0.57 7.32
C PRO A 158 -9.45 -0.09 8.51
N GLU A 159 -10.68 -0.57 8.63
CA GLU A 159 -11.56 -0.17 9.72
C GLU A 159 -12.95 -0.78 9.63
N GLU B 3 18.49 15.89 -5.22
CA GLU B 3 18.70 17.09 -4.38
C GLU B 3 19.06 16.70 -2.94
N GLU B 4 18.18 15.90 -2.35
CA GLU B 4 18.31 15.47 -0.95
C GLU B 4 17.77 14.07 -0.63
N GLU B 5 18.58 13.25 0.06
CA GLU B 5 18.13 11.91 0.46
C GLU B 5 18.60 11.56 1.86
N ALA B 6 17.70 10.96 2.64
CA ALA B 6 18.00 10.56 4.01
C ALA B 6 19.17 9.59 4.05
N GLU B 7 19.82 9.51 5.19
CA GLU B 7 20.96 8.63 5.39
C GLU B 7 20.49 7.18 5.31
N GLN B 8 21.36 6.30 4.84
CA GLN B 8 21.00 4.88 4.73
C GLN B 8 21.23 4.16 6.06
N ASN B 9 20.16 3.60 6.60
CA ASN B 9 20.21 2.89 7.87
C ASN B 9 19.24 1.71 7.83
N LEU B 10 19.51 0.66 8.61
CA LEU B 10 18.63 -0.50 8.64
C LEU B 10 17.31 -0.11 9.28
N SER B 11 17.41 0.60 10.40
CA SER B 11 16.25 1.07 11.13
C SER B 11 15.49 2.02 10.24
N GLU B 12 16.22 2.65 9.34
CA GLU B 12 15.58 3.61 8.47
C GLU B 12 14.67 2.92 7.46
N LEU B 13 14.74 1.60 7.41
CA LEU B 13 13.89 0.82 6.50
C LEU B 13 12.61 0.46 7.23
N SER B 14 12.57 0.78 8.51
CA SER B 14 11.42 0.51 9.36
C SER B 14 10.26 1.35 8.87
N GLY B 15 9.05 0.80 8.96
CA GLY B 15 7.88 1.54 8.52
C GLY B 15 6.82 0.66 7.86
N PRO B 16 5.92 1.24 7.08
CA PRO B 16 4.90 0.42 6.43
C PRO B 16 5.43 -0.47 5.31
N TRP B 17 5.06 -1.74 5.35
CA TRP B 17 5.45 -2.72 4.32
C TRP B 17 4.20 -3.49 3.95
N ARG B 18 4.17 -3.98 2.71
CA ARG B 18 3.04 -4.75 2.22
C ARG B 18 3.54 -6.01 1.54
N THR B 19 2.72 -7.05 1.63
CA THR B 19 3.04 -8.33 1.05
C THR B 19 2.65 -8.27 -0.42
N VAL B 20 3.50 -8.84 -1.28
CA VAL B 20 3.21 -8.87 -2.71
C VAL B 20 2.85 -10.32 -3.03
N TYR B 21 3.80 -11.22 -2.77
CA TYR B 21 3.62 -12.65 -3.01
C TYR B 21 4.18 -13.47 -1.85
N ILE B 22 3.59 -14.63 -1.64
CA ILE B 22 4.10 -15.58 -0.66
C ILE B 22 3.83 -16.95 -1.26
N GLY B 23 4.89 -17.74 -1.40
CA GLY B 23 4.77 -19.09 -1.92
C GLY B 23 5.08 -20.10 -0.82
N SER B 24 4.48 -21.29 -0.92
CA SER B 24 4.66 -22.33 0.11
C SER B 24 4.74 -23.75 -0.48
N THR B 25 5.32 -24.69 0.27
CA THR B 25 5.41 -26.08 -0.20
C THR B 25 4.15 -26.82 0.22
N ASN B 26 3.46 -26.27 1.21
CA ASN B 26 2.21 -26.85 1.66
C ASN B 26 1.18 -25.75 1.36
N PRO B 27 0.39 -25.93 0.29
CA PRO B 27 -0.62 -24.93 -0.07
C PRO B 27 -1.64 -24.61 1.02
N GLU B 28 -1.84 -25.54 1.94
CA GLU B 28 -2.80 -25.35 3.01
C GLU B 28 -2.35 -24.24 3.98
N LYS B 29 -1.04 -24.01 4.04
CA LYS B 29 -0.50 -22.99 4.92
C LYS B 29 -0.82 -21.56 4.48
N ILE B 30 -0.97 -21.35 3.16
CA ILE B 30 -1.30 -20.03 2.64
C ILE B 30 -2.67 -19.89 1.97
N GLN B 31 -3.52 -20.91 2.09
CA GLN B 31 -4.86 -20.87 1.52
C GLN B 31 -5.71 -20.08 2.50
N GLU B 32 -6.99 -19.87 2.17
CA GLU B 32 -7.86 -19.11 3.07
C GLU B 32 -7.75 -19.77 4.44
N ASN B 33 -7.64 -18.95 5.47
CA ASN B 33 -7.51 -19.41 6.86
C ASN B 33 -6.16 -20.04 7.20
N GLY B 34 -5.24 -20.02 6.25
CA GLY B 34 -3.91 -20.56 6.52
C GLY B 34 -3.18 -19.56 7.41
N PRO B 35 -2.34 -20.01 8.35
CA PRO B 35 -1.60 -19.10 9.24
C PRO B 35 -0.51 -18.29 8.56
N PHE B 36 -0.13 -18.68 7.35
CA PHE B 36 0.89 -17.96 6.64
C PHE B 36 0.40 -17.09 5.49
N ARG B 37 -0.90 -16.82 5.47
CA ARG B 37 -1.50 -15.95 4.45
C ARG B 37 -1.47 -14.58 5.14
N THR B 38 -0.25 -14.11 5.39
CA THR B 38 -0.02 -12.87 6.13
C THR B 38 0.06 -11.57 5.36
N TYR B 39 -0.83 -10.63 5.69
CA TYR B 39 -0.81 -9.31 5.07
C TYR B 39 0.05 -8.41 5.96
N PHE B 40 1.25 -8.08 5.50
CA PHE B 40 2.14 -7.24 6.29
C PHE B 40 1.60 -5.83 6.42
N ARG B 41 1.73 -5.28 7.63
CA ARG B 41 1.30 -3.92 7.90
C ARG B 41 2.57 -3.07 8.13
N GLU B 42 3.47 -3.53 9.00
CA GLU B 42 4.71 -2.78 9.27
C GLU B 42 5.83 -3.69 9.72
N LEU B 43 7.06 -3.17 9.60
CA LEU B 43 8.26 -3.89 10.03
C LEU B 43 9.15 -2.90 10.76
N VAL B 44 9.79 -3.34 11.84
CA VAL B 44 10.69 -2.47 12.58
C VAL B 44 12.03 -3.17 12.74
N PHE B 45 13.05 -2.70 12.04
CA PHE B 45 14.36 -3.32 12.19
C PHE B 45 15.08 -2.58 13.32
N ASP B 46 15.71 -3.33 14.21
CA ASP B 46 16.45 -2.74 15.31
C ASP B 46 17.88 -3.24 15.28
N ASP B 47 18.79 -2.36 14.88
CA ASP B 47 20.21 -2.65 14.75
C ASP B 47 20.90 -3.03 16.06
N GLU B 48 20.56 -2.35 17.15
CA GLU B 48 21.14 -2.64 18.44
C GLU B 48 20.76 -4.02 18.98
N LYS B 49 19.47 -4.33 19.02
CA LYS B 49 19.05 -5.62 19.56
C LYS B 49 19.18 -6.75 18.55
N GLY B 50 19.49 -6.42 17.30
CA GLY B 50 19.63 -7.45 16.29
C GLY B 50 18.30 -8.18 16.08
N THR B 51 17.22 -7.43 15.93
CA THR B 51 15.90 -8.04 15.73
C THR B 51 15.08 -7.33 14.66
N VAL B 52 14.01 -8.01 14.27
CA VAL B 52 13.07 -7.47 13.31
C VAL B 52 11.69 -7.76 13.87
N ASP B 53 10.87 -6.72 14.01
CA ASP B 53 9.53 -6.93 14.51
C ASP B 53 8.50 -6.86 13.38
N PHE B 54 7.75 -7.95 13.24
CA PHE B 54 6.71 -8.09 12.22
C PHE B 54 5.33 -7.74 12.75
N TYR B 55 4.64 -6.87 12.01
CA TYR B 55 3.27 -6.49 12.34
C TYR B 55 2.50 -6.83 11.09
N PHE B 56 1.59 -7.79 11.22
CA PHE B 56 0.83 -8.24 10.07
C PHE B 56 -0.59 -8.68 10.45
N SER B 57 -1.40 -8.97 9.45
CA SER B 57 -2.78 -9.41 9.67
C SER B 57 -2.97 -10.77 8.98
N VAL B 58 -3.77 -11.64 9.60
CA VAL B 58 -4.03 -12.96 9.06
C VAL B 58 -5.46 -13.37 9.46
N LYS B 59 -6.22 -13.92 8.51
CA LYS B 59 -7.59 -14.31 8.81
C LYS B 59 -7.63 -15.72 9.36
N ARG B 60 -8.17 -15.85 10.57
CA ARG B 60 -8.29 -17.13 11.24
C ARG B 60 -9.74 -17.35 11.66
N ASP B 61 -10.25 -18.56 11.44
CA ASP B 61 -11.62 -18.90 11.80
C ASP B 61 -12.58 -17.80 11.34
N GLY B 62 -12.37 -17.33 10.12
CA GLY B 62 -13.22 -16.30 9.57
C GLY B 62 -13.06 -14.89 10.12
N LYS B 63 -12.09 -14.67 11.01
CA LYS B 63 -11.87 -13.35 11.59
C LYS B 63 -10.44 -12.81 11.46
N TRP B 64 -10.32 -11.59 10.95
CA TRP B 64 -9.01 -10.96 10.80
C TRP B 64 -8.40 -10.67 12.17
N LYS B 65 -7.15 -11.05 12.33
CA LYS B 65 -6.43 -10.83 13.59
C LYS B 65 -5.12 -10.09 13.34
N ASN B 66 -4.79 -9.18 14.25
CA ASN B 66 -3.57 -8.42 14.16
C ASN B 66 -2.51 -9.14 14.96
N VAL B 67 -1.43 -9.53 14.29
CA VAL B 67 -0.37 -10.26 14.95
C VAL B 67 0.99 -9.57 14.91
N HIS B 68 1.73 -9.71 16.02
CA HIS B 68 3.07 -9.15 16.18
C HIS B 68 4.03 -10.28 16.52
N VAL B 69 5.14 -10.38 15.79
CA VAL B 69 6.14 -11.42 16.03
C VAL B 69 7.52 -10.78 16.07
N LYS B 70 8.31 -11.10 17.09
CA LYS B 70 9.68 -10.56 17.21
C LYS B 70 10.66 -11.64 16.73
N ALA B 71 11.43 -11.34 15.69
CA ALA B 71 12.42 -12.28 15.16
C ALA B 71 13.79 -11.86 15.67
N THR B 72 14.65 -12.81 15.99
CA THR B 72 15.97 -12.47 16.51
C THR B 72 17.11 -12.97 15.63
N LYS B 73 17.94 -12.05 15.15
CA LYS B 73 19.08 -12.40 14.30
C LYS B 73 20.01 -13.38 14.99
N GLN B 74 20.55 -14.31 14.22
CA GLN B 74 21.49 -15.29 14.75
C GLN B 74 22.87 -14.82 14.32
N ASP B 75 23.91 -15.31 15.00
CA ASP B 75 25.27 -14.94 14.65
C ASP B 75 25.53 -15.18 13.18
N ASP B 76 24.85 -16.17 12.61
CA ASP B 76 25.05 -16.47 11.20
C ASP B 76 24.22 -15.60 10.27
N GLY B 77 23.65 -14.52 10.81
CA GLY B 77 22.87 -13.60 10.00
C GLY B 77 21.39 -13.90 9.76
N THR B 78 20.97 -15.13 10.03
CA THR B 78 19.58 -15.53 9.87
C THR B 78 18.79 -15.21 11.13
N TYR B 79 17.47 -15.41 11.10
CA TYR B 79 16.62 -15.12 12.26
C TYR B 79 15.75 -16.26 12.76
N VAL B 80 15.43 -16.22 14.05
CA VAL B 80 14.54 -17.24 14.64
C VAL B 80 13.30 -16.51 15.14
N ALA B 81 12.16 -17.20 15.11
CA ALA B 81 10.93 -16.61 15.57
C ALA B 81 9.92 -17.70 15.86
N ASP B 82 9.14 -17.51 16.92
CA ASP B 82 8.12 -18.48 17.25
C ASP B 82 6.78 -17.94 16.78
N TYR B 83 6.19 -18.64 15.83
CA TYR B 83 4.90 -18.31 15.25
C TYR B 83 4.41 -19.57 14.56
N GLU B 84 3.28 -20.10 15.04
CA GLU B 84 2.73 -21.31 14.47
C GLU B 84 3.84 -22.36 14.35
N GLY B 85 4.58 -22.55 15.45
CA GLY B 85 5.70 -23.48 15.48
C GLY B 85 7.00 -22.69 15.48
N GLN B 86 8.13 -23.32 15.18
CA GLN B 86 9.39 -22.58 15.15
C GLN B 86 9.74 -22.20 13.71
N ASN B 87 10.30 -21.00 13.55
CA ASN B 87 10.66 -20.49 12.23
C ASN B 87 12.11 -20.02 12.19
N VAL B 88 12.77 -20.28 11.06
CA VAL B 88 14.14 -19.83 10.81
C VAL B 88 14.04 -19.07 9.50
N PHE B 89 13.98 -17.77 9.66
CA PHE B 89 13.83 -16.74 8.61
C PHE B 89 15.16 -16.32 7.98
N LYS B 90 15.22 -16.30 6.66
CA LYS B 90 16.41 -15.81 5.93
C LYS B 90 16.05 -14.73 4.89
N ILE B 91 16.66 -13.57 5.04
CA ILE B 91 16.45 -12.44 4.14
C ILE B 91 17.40 -12.63 2.97
N VAL B 92 16.85 -12.92 1.81
CA VAL B 92 17.68 -13.15 0.64
C VAL B 92 18.06 -11.88 -0.13
N SER B 93 17.31 -10.80 0.09
CA SER B 93 17.60 -9.53 -0.56
C SER B 93 16.79 -8.41 0.09
N LEU B 94 17.44 -7.30 0.39
CA LEU B 94 16.77 -6.22 1.07
C LEU B 94 17.25 -4.82 0.72
N SER B 95 16.32 -3.94 0.38
CA SER B 95 16.63 -2.56 0.07
C SER B 95 15.52 -1.73 0.65
N ARG B 96 15.65 -0.42 0.47
CA ARG B 96 14.67 0.53 0.93
C ARG B 96 13.38 0.28 0.16
N THR B 97 13.48 -0.50 -0.91
CA THR B 97 12.30 -0.78 -1.72
C THR B 97 11.67 -2.16 -1.55
N HIS B 98 12.48 -3.17 -1.27
CA HIS B 98 11.94 -4.52 -1.21
C HIS B 98 12.58 -5.45 -0.19
N LEU B 99 11.95 -6.61 -0.04
CA LEU B 99 12.41 -7.66 0.85
C LEU B 99 12.02 -8.98 0.23
N VAL B 100 13.00 -9.84 0.00
CA VAL B 100 12.73 -11.17 -0.52
C VAL B 100 13.25 -12.06 0.57
N ALA B 101 12.51 -13.09 0.94
CA ALA B 101 12.95 -13.95 2.03
C ALA B 101 12.50 -15.39 1.98
N HIS B 102 13.28 -16.25 2.64
CA HIS B 102 13.00 -17.67 2.71
C HIS B 102 12.84 -18.04 4.18
N ASN B 103 11.75 -18.73 4.48
CA ASN B 103 11.49 -19.17 5.85
C ASN B 103 11.18 -20.62 5.90
N ILE B 104 11.61 -21.26 6.97
CA ILE B 104 11.35 -22.68 7.17
C ILE B 104 10.61 -22.77 8.48
N ASN B 105 9.41 -23.32 8.42
CA ASN B 105 8.59 -23.46 9.58
C ASN B 105 8.31 -24.91 9.93
N VAL B 106 8.45 -25.24 11.21
CA VAL B 106 8.17 -26.59 11.67
C VAL B 106 7.04 -26.37 12.63
N ASP B 107 5.87 -26.93 12.34
CA ASP B 107 4.73 -26.72 13.22
C ASP B 107 4.72 -27.62 14.45
N LYS B 108 3.78 -27.34 15.34
CA LYS B 108 3.62 -28.06 16.60
C LYS B 108 3.53 -29.58 16.43
N HIS B 109 3.22 -30.04 15.23
CA HIS B 109 3.13 -31.47 14.99
C HIS B 109 4.38 -32.00 14.29
N GLY B 110 5.34 -31.10 14.06
CA GLY B 110 6.60 -31.50 13.44
C GLY B 110 6.65 -31.46 11.92
N GLN B 111 5.63 -30.86 11.31
CA GLN B 111 5.57 -30.76 9.87
C GLN B 111 6.40 -29.56 9.42
N THR B 112 7.19 -29.75 8.36
CA THR B 112 8.04 -28.68 7.83
C THR B 112 7.54 -28.09 6.53
N THR B 113 7.41 -26.76 6.53
CA THR B 113 6.95 -26.01 5.37
C THR B 113 8.00 -24.97 5.05
N GLU B 114 8.29 -24.79 3.76
CA GLU B 114 9.23 -23.78 3.34
C GLU B 114 8.43 -22.78 2.53
N LEU B 115 8.55 -21.51 2.91
CA LEU B 115 7.80 -20.49 2.23
C LEU B 115 8.73 -19.44 1.67
N THR B 116 8.27 -18.76 0.62
CA THR B 116 9.04 -17.69 0.03
C THR B 116 8.09 -16.50 0.03
N GLU B 117 8.67 -15.31 0.06
CA GLU B 117 7.85 -14.12 0.07
C GLU B 117 8.56 -12.93 -0.50
N LEU B 118 7.77 -12.05 -1.08
CA LEU B 118 8.27 -10.81 -1.64
C LEU B 118 7.41 -9.76 -0.95
N PHE B 119 8.07 -8.76 -0.38
CA PHE B 119 7.37 -7.68 0.31
C PHE B 119 7.95 -6.38 -0.20
N VAL B 120 7.12 -5.33 -0.19
CA VAL B 120 7.54 -4.02 -0.65
C VAL B 120 7.21 -2.97 0.41
N LYS B 121 8.05 -1.95 0.49
CA LYS B 121 7.87 -0.89 1.45
C LYS B 121 7.10 0.31 0.87
N LEU B 122 6.31 0.98 1.70
CA LEU B 122 5.60 2.17 1.24
C LEU B 122 6.39 3.33 1.80
N ASN B 123 7.11 4.02 0.91
CA ASN B 123 7.93 5.17 1.28
C ASN B 123 7.15 6.45 1.04
N VAL B 124 7.15 7.34 2.03
CA VAL B 124 6.48 8.62 1.86
C VAL B 124 7.61 9.61 2.07
N GLU B 125 8.02 10.28 1.00
CA GLU B 125 9.12 11.24 1.10
C GLU B 125 8.74 12.61 1.65
N ASP B 126 9.68 13.18 2.40
CA ASP B 126 9.53 14.49 3.03
C ASP B 126 8.99 15.54 2.08
N GLU B 127 9.69 15.78 0.98
CA GLU B 127 9.28 16.78 0.01
C GLU B 127 7.82 16.61 -0.39
N ASP B 128 7.39 15.38 -0.61
CA ASP B 128 6.02 15.12 -1.00
C ASP B 128 5.06 15.38 0.15
N LEU B 129 5.51 15.11 1.36
CA LEU B 129 4.71 15.37 2.55
C LEU B 129 4.54 16.88 2.67
N GLU B 130 5.64 17.62 2.65
CA GLU B 130 5.54 19.07 2.77
C GLU B 130 4.68 19.66 1.64
N LYS B 131 4.84 19.15 0.41
CA LYS B 131 4.05 19.64 -0.71
C LYS B 131 2.56 19.40 -0.44
N PHE B 132 2.22 18.27 0.18
CA PHE B 132 0.82 17.99 0.50
C PHE B 132 0.35 18.98 1.56
N TRP B 133 1.15 19.21 2.59
CA TRP B 133 0.72 20.16 3.61
C TRP B 133 0.67 21.58 3.06
N LYS B 134 1.65 21.98 2.25
CA LYS B 134 1.61 23.33 1.68
C LYS B 134 0.32 23.47 0.86
N LEU B 135 0.07 22.50 0.00
CA LEU B 135 -1.15 22.52 -0.80
C LEU B 135 -2.36 22.62 0.12
N THR B 136 -2.34 21.82 1.18
CA THR B 136 -3.43 21.78 2.15
C THR B 136 -3.70 23.12 2.84
N GLU B 137 -2.65 23.82 3.25
CA GLU B 137 -2.87 25.11 3.88
C GLU B 137 -3.20 26.20 2.86
N ASP B 138 -2.77 26.02 1.60
CA ASP B 138 -3.09 27.00 0.55
C ASP B 138 -4.60 26.97 0.29
N LYS B 139 -5.23 25.83 0.57
CA LYS B 139 -6.65 25.67 0.34
C LYS B 139 -7.44 25.97 1.59
N GLY B 140 -6.75 26.52 2.57
CA GLY B 140 -7.40 26.85 3.82
C GLY B 140 -7.99 25.65 4.53
N ILE B 141 -7.29 24.52 4.50
CA ILE B 141 -7.76 23.32 5.19
C ILE B 141 -6.96 23.19 6.49
N ASP B 142 -7.67 23.05 7.60
CA ASP B 142 -7.03 22.92 8.91
C ASP B 142 -6.45 21.53 9.09
N LYS B 143 -5.23 21.44 9.63
CA LYS B 143 -4.59 20.15 9.83
C LYS B 143 -5.47 19.14 10.55
N LYS B 144 -6.33 19.61 11.44
CA LYS B 144 -7.22 18.72 12.17
C LYS B 144 -8.27 18.11 11.27
N ASN B 145 -8.36 18.61 10.04
CA ASN B 145 -9.33 18.13 9.07
C ASN B 145 -8.70 17.26 8.00
N VAL B 146 -7.72 16.47 8.42
CA VAL B 146 -7.05 15.57 7.50
C VAL B 146 -6.91 14.20 8.13
N VAL B 147 -7.24 13.17 7.36
CA VAL B 147 -7.16 11.83 7.87
C VAL B 147 -5.91 11.11 7.36
N ASN B 148 -5.28 10.37 8.27
CA ASN B 148 -4.08 9.62 7.94
C ASN B 148 -4.55 8.21 7.54
N PHE B 149 -4.70 7.98 6.24
CA PHE B 149 -5.16 6.67 5.77
C PHE B 149 -4.16 5.57 5.96
N LEU B 150 -2.87 5.91 5.87
CA LEU B 150 -1.82 4.92 6.02
C LEU B 150 -1.76 4.33 7.42
N GLU B 151 -1.92 5.14 8.45
CA GLU B 151 -1.88 4.59 9.80
C GLU B 151 -3.14 3.75 10.04
N ASN B 152 -4.26 4.12 9.44
CA ASN B 152 -5.46 3.32 9.61
C ASN B 152 -5.18 1.95 9.00
N GLU B 153 -4.63 1.92 7.79
CA GLU B 153 -4.30 0.65 7.15
C GLU B 153 -3.28 -0.15 7.97
N ASN B 154 -2.34 0.54 8.61
CA ASN B 154 -1.33 -0.14 9.44
C ASN B 154 -1.91 -0.59 10.77
N HIS B 155 -3.08 -0.06 11.14
CA HIS B 155 -3.68 -0.42 12.42
C HIS B 155 -5.17 -0.68 12.28
N PRO B 156 -5.53 -1.70 11.49
CA PRO B 156 -6.91 -2.11 11.24
C PRO B 156 -7.50 -2.85 12.43
N HIS B 157 -8.48 -3.71 12.17
CA HIS B 157 -9.14 -4.48 13.22
C HIS B 157 -10.23 -5.34 12.62
N PRO B 158 -11.00 -5.94 13.40
C11 UNA C . -12.46 10.51 -5.35
C10 UNA C . -11.98 9.23 -5.75
C9 UNA C . -12.11 9.22 -7.24
C8 UNA C . -13.34 9.84 -7.93
C7 UNA C . -13.69 11.30 -7.85
C6 UNA C . -12.80 12.33 -8.58
C5 UNA C . -11.56 12.80 -7.77
C4 UNA C . -10.71 11.82 -6.89
C3 UNA C . -9.39 12.36 -6.51
C2 UNA C . -9.14 11.90 -5.13
C1 UNA C . -9.79 12.68 -4.16
O1 UNA C . -9.17 13.65 -3.72
C11 UNA D . 7.92 -17.81 9.48
C10 UNA D . 8.26 -17.27 10.67
C9 UNA D . 9.65 -16.95 10.75
C8 UNA D . 9.76 -15.48 10.90
C7 UNA D . 8.59 -14.64 10.44
C6 UNA D . 7.35 -15.43 10.10
C5 UNA D . 6.16 -14.57 9.79
C4 UNA D . 6.03 -14.15 8.24
C3 UNA D . 6.36 -15.35 7.30
C2 UNA D . 7.71 -15.12 6.57
C1 UNA D . 7.87 -15.38 5.12
O1 UNA D . 8.79 -14.77 4.52
#